data_3K2V
#
_entry.id   3K2V
#
_cell.length_a   102.151
_cell.length_b   102.151
_cell.length_c   214.850
_cell.angle_alpha   90.000
_cell.angle_beta   90.000
_cell.angle_gamma   120.000
#
_symmetry.space_group_name_H-M   'H 3 2'
#
loop_
_entity.id
_entity.type
_entity.pdbx_description
1 polymer 'putative D-arabinose 5-phosphate isomerase'
2 non-polymer "CYTIDINE 5'-MONOPHOSPHATE 3-DEOXY-BETA-D-GULO-OCT-2-ULO-PYRANOSONIC ACID"
3 non-polymer 'SULFATE ION'
4 non-polymer GLYCEROL
5 water water
#
_entity_poly.entity_id   1
_entity_poly.type   'polypeptide(L)'
_entity_poly.pdbx_seq_one_letter_code
;SNAEARGFTAEDFALSHPGGALGRKLLLRVNDI(MSE)HTGDEIPHVGLQATLRDALLEITRKNLG(MSE)TAICDDD
(MSE)NIIGIFTDGDLRRVFDTGVD(MSE)RDASIADV(MSE)TRGGIRIRPGTLAVDALNL(MSE)QSRHITCVLVADG
DHLLGVVH(MSE)HDLLRA
;
_entity_poly.pdbx_strand_id   A,B
#
loop_
_chem_comp.id
_chem_comp.type
_chem_comp.name
_chem_comp.formula
CMK non-polymer 'CYTIDINE 5'-MONOPHOSPHATE 3-DEOXY-BETA-D-GULO-OCT-2-ULO-PYRANOSONIC ACID' 'C17 H26 N3 O15 P'
GOL non-polymer GLYCEROL 'C3 H8 O3'
SO4 non-polymer 'SULFATE ION' 'O4 S -2'
#
# COMPACT_ATOMS: atom_id res chain seq x y z
N GLY A 20 -0.50 8.83 -24.02
CA GLY A 20 -1.34 8.28 -25.12
C GLY A 20 -1.91 6.91 -24.75
N ALA A 21 -1.02 5.98 -24.41
CA ALA A 21 -1.39 4.61 -24.02
C ALA A 21 -2.08 4.58 -22.66
N LEU A 22 -1.52 5.36 -21.72
CA LEU A 22 -2.10 5.50 -20.39
C LEU A 22 -3.48 6.15 -20.48
N GLY A 23 -3.58 7.23 -21.26
CA GLY A 23 -4.85 7.90 -21.56
C GLY A 23 -5.92 6.98 -22.13
N ARG A 24 -5.53 6.12 -23.06
CA ARG A 24 -6.44 5.13 -23.65
C ARG A 24 -6.83 4.06 -22.63
N LYS A 25 -5.87 3.65 -21.80
CA LYS A 25 -6.19 2.64 -20.80
C LYS A 25 -7.15 3.19 -19.76
N LEU A 26 -7.04 4.49 -19.46
CA LEU A 26 -7.96 5.12 -18.50
C LEU A 26 -9.40 5.28 -19.04
N LEU A 27 -9.62 5.01 -20.33
CA LEU A 27 -10.98 5.07 -20.90
C LEU A 27 -11.63 3.69 -20.92
N LEU A 28 -10.91 2.65 -20.47
CA LEU A 28 -11.48 1.32 -20.40
C LEU A 28 -12.40 1.17 -19.18
N ARG A 29 -13.35 0.24 -19.30
CA ARG A 29 -14.19 -0.16 -18.19
C ARG A 29 -13.39 -1.06 -17.26
N VAL A 30 -13.54 -0.87 -15.95
CA VAL A 30 -12.81 -1.70 -14.98
C VAL A 30 -13.11 -3.21 -15.14
N ASN A 31 -14.30 -3.54 -15.63
CA ASN A 31 -14.67 -4.92 -15.93
C ASN A 31 -13.59 -5.65 -16.75
N ASP A 32 -12.98 -4.92 -17.67
CA ASP A 32 -12.06 -5.49 -18.62
C ASP A 32 -10.63 -5.49 -18.13
N ILE A 33 -10.36 -4.93 -16.95
CA ILE A 33 -9.01 -4.97 -16.42
C ILE A 33 -8.91 -5.52 -15.01
N MSE A 34 -10.04 -5.71 -14.34
CA MSE A 34 -10.04 -6.20 -12.98
C MSE A 34 -9.57 -7.65 -12.85
O MSE A 34 -9.67 -8.44 -13.80
CB MSE A 34 -11.44 -6.07 -12.38
CG MSE A 34 -12.46 -7.01 -12.97
SE MSE A 34 -14.21 -6.62 -12.31
CE MSE A 34 -15.18 -8.00 -13.17
N HIS A 35 -9.10 -7.99 -11.65
CA HIS A 35 -8.82 -9.37 -11.26
C HIS A 35 -10.12 -10.07 -10.91
N THR A 36 -10.27 -11.29 -11.42
CA THR A 36 -11.47 -12.09 -11.19
C THR A 36 -11.06 -13.48 -10.81
N GLY A 37 -12.03 -14.29 -10.40
CA GLY A 37 -11.81 -15.71 -10.14
C GLY A 37 -10.81 -15.91 -9.03
N ASP A 38 -9.85 -16.79 -9.27
CA ASP A 38 -8.83 -17.11 -8.29
C ASP A 38 -7.88 -15.97 -8.01
N GLU A 39 -7.87 -14.93 -8.86
CA GLU A 39 -6.99 -13.80 -8.57
CA GLU A 39 -7.04 -13.73 -8.65
C GLU A 39 -7.60 -12.82 -7.54
N ILE A 40 -8.88 -13.00 -7.20
CA ILE A 40 -9.51 -12.17 -6.17
C ILE A 40 -9.04 -12.65 -4.78
N PRO A 41 -8.50 -11.74 -3.97
CA PRO A 41 -8.24 -12.10 -2.57
C PRO A 41 -9.49 -12.02 -1.71
N HIS A 42 -9.88 -13.15 -1.18
CA HIS A 42 -11.00 -13.17 -0.26
C HIS A 42 -10.90 -14.33 0.69
N VAL A 43 -11.36 -14.09 1.92
CA VAL A 43 -11.49 -15.13 2.94
C VAL A 43 -12.89 -15.04 3.52
N GLY A 44 -13.26 -16.06 4.26
CA GLY A 44 -14.56 -16.12 4.91
C GLY A 44 -14.60 -15.44 6.26
N LEU A 45 -15.82 -15.32 6.77
CA LEU A 45 -16.07 -14.60 8.01
C LEU A 45 -15.43 -15.27 9.22
N GLN A 46 -15.21 -16.59 9.18
CA GLN A 46 -14.56 -17.28 10.31
C GLN A 46 -13.03 -17.38 10.16
N ALA A 47 -12.44 -16.74 9.16
CA ALA A 47 -10.98 -16.82 8.96
C ALA A 47 -10.23 -16.19 10.13
N THR A 48 -9.04 -16.70 10.41
CA THR A 48 -8.15 -16.06 11.36
C THR A 48 -7.46 -14.91 10.66
N LEU A 49 -6.90 -14.00 11.45
CA LEU A 49 -6.08 -12.94 10.88
C LEU A 49 -4.91 -13.52 10.09
N ARG A 50 -4.26 -14.58 10.60
CA ARG A 50 -3.16 -15.21 9.86
C ARG A 50 -3.63 -15.76 8.51
N ASP A 51 -4.79 -16.41 8.47
CA ASP A 51 -5.40 -16.80 7.19
C ASP A 51 -5.55 -15.63 6.25
N ALA A 52 -6.01 -14.49 6.76
CA ALA A 52 -6.21 -13.31 5.93
C ALA A 52 -4.87 -12.80 5.39
N LEU A 53 -3.85 -12.79 6.24
CA LEU A 53 -2.53 -12.33 5.80
C LEU A 53 -1.93 -13.23 4.71
N LEU A 54 -2.12 -14.53 4.81
CA LEU A 54 -1.65 -15.45 3.79
C LEU A 54 -2.33 -15.14 2.45
N GLU A 55 -3.63 -14.86 2.50
CA GLU A 55 -4.39 -14.59 1.28
C GLU A 55 -3.91 -13.30 0.66
N ILE A 56 -3.66 -12.28 1.49
CA ILE A 56 -3.11 -11.01 1.03
C ILE A 56 -1.79 -11.25 0.32
N THR A 57 -0.89 -12.03 0.95
CA THR A 57 0.41 -12.30 0.36
C THR A 57 0.28 -13.02 -0.98
N ARG A 58 -0.55 -14.06 -1.02
CA ARG A 58 -0.66 -14.84 -2.22
CA ARG A 58 -0.75 -14.89 -2.20
C ARG A 58 -1.25 -14.11 -3.39
N LYS A 59 -2.21 -13.21 -3.17
CA LYS A 59 -2.87 -12.57 -4.31
C LYS A 59 -2.22 -11.25 -4.71
N ASN A 60 -1.30 -10.77 -3.87
CA ASN A 60 -0.38 -9.74 -4.22
C ASN A 60 -0.97 -8.34 -4.50
N LEU A 61 -2.11 -8.05 -3.89
CA LEU A 61 -2.79 -6.78 -4.04
C LEU A 61 -2.78 -5.92 -2.77
N GLY A 62 -2.13 -6.38 -1.70
CA GLY A 62 -2.05 -5.60 -0.48
C GLY A 62 -3.33 -5.57 0.36
N MSE A 63 -4.30 -6.40 0.01
CA MSE A 63 -5.57 -6.42 0.69
CA MSE A 63 -5.57 -6.41 0.69
C MSE A 63 -6.31 -7.70 0.42
O MSE A 63 -5.96 -8.45 -0.50
CB MSE A 63 -6.47 -5.23 0.25
CB MSE A 63 -6.40 -5.17 0.28
CG MSE A 63 -6.75 -5.17 -1.24
CG MSE A 63 -7.84 -5.43 -0.10
SE MSE A 63 -8.66 -4.86 -1.61
SE MSE A 63 -8.03 -6.33 -1.84
CE MSE A 63 -9.31 -6.56 -1.01
CE MSE A 63 -9.95 -6.54 -1.90
N THR A 64 -7.31 -7.96 1.23
CA THR A 64 -8.25 -9.02 1.03
C THR A 64 -9.65 -8.55 1.37
N ALA A 65 -10.63 -9.08 0.64
CA ALA A 65 -12.01 -9.01 1.03
C ALA A 65 -12.35 -10.10 2.03
N ILE A 66 -13.41 -9.85 2.78
CA ILE A 66 -14.03 -10.85 3.63
C ILE A 66 -15.46 -10.96 3.08
N CYS A 67 -15.81 -12.15 2.62
CA CYS A 67 -17.08 -12.41 1.93
C CYS A 67 -17.85 -13.53 2.59
N ASP A 68 -19.17 -13.51 2.45
CA ASP A 68 -19.99 -14.64 2.85
C ASP A 68 -20.02 -15.71 1.74
N ASP A 69 -20.81 -16.76 1.95
CA ASP A 69 -20.84 -17.90 1.03
C ASP A 69 -21.43 -17.55 -0.32
N ASP A 70 -22.16 -16.43 -0.40
CA ASP A 70 -22.72 -15.95 -1.66
C ASP A 70 -21.82 -14.93 -2.37
N MSE A 71 -20.59 -14.76 -1.87
CA MSE A 71 -19.65 -13.75 -2.36
C MSE A 71 -20.15 -12.32 -2.18
O MSE A 71 -19.75 -11.42 -2.92
CB MSE A 71 -19.24 -14.02 -3.83
CG MSE A 71 -18.32 -15.21 -4.00
SE MSE A 71 -16.59 -15.03 -3.09
CE MSE A 71 -16.05 -13.44 -3.87
N ASN A 72 -21.00 -12.08 -1.19
CA ASN A 72 -21.32 -10.73 -0.79
C ASN A 72 -20.23 -10.19 0.14
N ILE A 73 -19.91 -8.93 -0.03
CA ILE A 73 -18.85 -8.28 0.72
C ILE A 73 -19.34 -8.02 2.14
N ILE A 74 -18.59 -8.51 3.11
CA ILE A 74 -18.83 -8.22 4.51
C ILE A 74 -17.84 -7.13 4.96
N GLY A 75 -16.62 -7.22 4.49
CA GLY A 75 -15.57 -6.33 4.94
C GLY A 75 -14.33 -6.43 4.09
N ILE A 76 -13.33 -5.63 4.44
N ILE A 76 -13.31 -5.71 4.52
CA ILE A 76 -12.02 -5.71 3.81
CA ILE A 76 -12.06 -5.61 3.80
C ILE A 76 -10.95 -5.52 4.87
C ILE A 76 -10.94 -5.43 4.84
N PHE A 77 -9.73 -5.92 4.52
CA PHE A 77 -8.56 -5.74 5.39
C PHE A 77 -7.35 -5.49 4.52
N THR A 78 -6.67 -4.39 4.79
CA THR A 78 -5.47 -3.99 4.05
C THR A 78 -4.21 -4.08 4.92
N ASP A 79 -3.04 -3.98 4.29
CA ASP A 79 -1.78 -3.90 5.04
C ASP A 79 -1.77 -2.70 5.99
N GLY A 80 -2.34 -1.58 5.55
CA GLY A 80 -2.49 -0.43 6.45
C GLY A 80 -3.33 -0.74 7.70
N ASP A 81 -4.40 -1.50 7.52
CA ASP A 81 -5.23 -1.93 8.64
C ASP A 81 -4.44 -2.75 9.67
N LEU A 82 -3.52 -3.60 9.20
CA LEU A 82 -2.67 -4.38 10.10
C LEU A 82 -1.83 -3.47 10.97
N ARG A 83 -1.21 -2.46 10.36
CA ARG A 83 -0.47 -1.48 11.13
C ARG A 83 -1.33 -0.82 12.19
N ARG A 84 -2.53 -0.42 11.81
CA ARG A 84 -3.41 0.25 12.74
C ARG A 84 -3.85 -0.68 13.87
N VAL A 85 -4.17 -1.93 13.58
CA VAL A 85 -4.63 -2.81 14.65
C VAL A 85 -3.46 -3.28 15.57
N PHE A 86 -2.25 -3.30 15.02
CA PHE A 86 -1.04 -3.67 15.78
C PHE A 86 -0.71 -2.73 16.92
N ASP A 87 -1.22 -1.50 16.84
N ASP A 87 -1.21 -1.50 16.88
CA ASP A 87 -1.06 -0.46 17.85
CA ASP A 87 -0.91 -0.50 17.91
C ASP A 87 -1.99 -0.70 19.05
C ASP A 87 -1.27 -0.94 19.35
N THR A 88 -2.06 -1.96 19.51
CA THR A 88 -2.54 -2.34 20.85
C THR A 88 -1.37 -2.99 21.60
N GLY A 89 -1.36 -2.87 22.91
CA GLY A 89 -0.35 -3.55 23.70
C GLY A 89 -0.48 -5.08 23.68
N VAL A 90 -1.67 -5.59 23.38
CA VAL A 90 -1.90 -7.05 23.48
C VAL A 90 -1.41 -7.81 22.25
N ASP A 91 -1.17 -9.09 22.44
CA ASP A 91 -0.72 -9.99 21.38
C ASP A 91 -1.90 -10.26 20.47
N MSE A 92 -1.76 -9.93 19.20
CA MSE A 92 -2.84 -9.99 18.20
CA MSE A 92 -2.91 -10.12 18.31
C MSE A 92 -2.74 -11.22 17.28
O MSE A 92 -3.54 -11.36 16.37
CB MSE A 92 -2.77 -8.75 17.28
CB MSE A 92 -3.26 -8.82 17.67
CG MSE A 92 -2.98 -7.42 17.97
CG MSE A 92 -2.33 -8.26 16.64
SE MSE A 92 -4.84 -7.01 18.42
SE MSE A 92 -3.45 -6.73 16.38
CE MSE A 92 -5.57 -6.83 16.62
CE MSE A 92 -4.73 -7.61 15.23
N ARG A 93 -1.72 -12.06 17.50
CA ARG A 93 -1.39 -13.13 16.58
C ARG A 93 -2.50 -14.15 16.36
N ASP A 94 -3.32 -14.38 17.37
CA ASP A 94 -4.45 -15.30 17.20
C ASP A 94 -5.79 -14.60 17.05
N ALA A 95 -5.80 -13.33 16.64
CA ALA A 95 -7.03 -12.63 16.28
C ALA A 95 -7.82 -13.25 15.11
N SER A 96 -9.13 -13.07 15.12
N SER A 96 -9.12 -13.01 15.13
CA SER A 96 -9.96 -13.47 13.99
CA SER A 96 -10.02 -13.41 14.04
C SER A 96 -10.03 -12.29 13.04
C SER A 96 -10.21 -12.26 13.06
N ILE A 97 -10.31 -12.55 11.76
CA ILE A 97 -10.46 -11.47 10.78
C ILE A 97 -11.72 -10.63 11.07
N ALA A 98 -12.76 -11.27 11.55
CA ALA A 98 -14.05 -10.62 11.81
C ALA A 98 -13.88 -9.50 12.87
N ASP A 99 -12.94 -9.68 13.77
CA ASP A 99 -12.76 -8.69 14.82
C ASP A 99 -11.95 -7.47 14.42
N VAL A 100 -11.15 -7.59 13.35
CA VAL A 100 -10.26 -6.50 12.96
C VAL A 100 -10.49 -5.92 11.57
N MSE A 101 -11.37 -6.54 10.78
CA MSE A 101 -11.65 -6.05 9.44
C MSE A 101 -12.35 -4.69 9.45
O MSE A 101 -13.02 -4.34 10.43
CB MSE A 101 -12.58 -7.03 8.72
CG MSE A 101 -13.94 -7.15 9.31
SE MSE A 101 -15.01 -8.52 8.41
CE MSE A 101 -16.59 -8.40 9.50
N THR A 102 -12.19 -3.93 8.37
CA THR A 102 -13.01 -2.74 8.10
C THR A 102 -14.33 -3.25 7.56
N ARG A 103 -15.45 -2.82 8.13
CA ARG A 103 -16.74 -3.28 7.65
C ARG A 103 -17.10 -2.59 6.34
N GLY A 104 -17.79 -3.31 5.45
CA GLY A 104 -18.13 -2.79 4.13
C GLY A 104 -16.90 -2.75 3.24
N GLY A 105 -16.70 -1.64 2.54
CA GLY A 105 -15.60 -1.51 1.62
C GLY A 105 -16.01 -0.61 0.47
N ILE A 106 -15.06 0.20 0.00
CA ILE A 106 -15.28 1.13 -1.09
C ILE A 106 -15.35 0.34 -2.40
N ARG A 107 -16.38 0.56 -3.19
CA ARG A 107 -16.58 -0.25 -4.37
C ARG A 107 -17.11 0.58 -5.52
N ILE A 108 -16.92 0.06 -6.74
CA ILE A 108 -17.44 0.69 -7.93
C ILE A 108 -18.11 -0.39 -8.80
N ARG A 109 -18.95 0.06 -9.72
CA ARG A 109 -19.65 -0.83 -10.65
C ARG A 109 -18.68 -1.27 -11.74
N PRO A 110 -18.95 -2.42 -12.37
CA PRO A 110 -18.02 -2.91 -13.38
C PRO A 110 -17.91 -2.05 -14.64
N GLY A 111 -18.90 -1.20 -14.92
CA GLY A 111 -18.82 -0.28 -16.04
C GLY A 111 -18.08 1.00 -15.76
N THR A 112 -17.63 1.20 -14.53
CA THR A 112 -16.87 2.38 -14.17
C THR A 112 -15.61 2.46 -15.03
N LEU A 113 -15.33 3.66 -15.56
CA LEU A 113 -14.13 3.90 -16.34
C LEU A 113 -12.91 3.90 -15.43
N ALA A 114 -11.78 3.41 -15.94
CA ALA A 114 -10.54 3.39 -15.17
C ALA A 114 -10.20 4.78 -14.65
N VAL A 115 -10.45 5.83 -15.45
CA VAL A 115 -10.16 7.19 -14.99
C VAL A 115 -10.97 7.58 -13.75
N ASP A 116 -12.22 7.14 -13.69
CA ASP A 116 -13.06 7.46 -12.54
C ASP A 116 -12.69 6.60 -11.34
N ALA A 117 -12.25 5.37 -11.57
CA ALA A 117 -11.71 4.54 -10.51
C ALA A 117 -10.45 5.18 -9.91
N LEU A 118 -9.59 5.71 -10.78
CA LEU A 118 -8.38 6.38 -10.31
C LEU A 118 -8.72 7.60 -9.45
N ASN A 119 -9.67 8.39 -9.93
CA ASN A 119 -10.10 9.59 -9.22
C ASN A 119 -10.65 9.25 -7.84
N LEU A 120 -11.44 8.17 -7.76
CA LEU A 120 -11.98 7.70 -6.48
C LEU A 120 -10.86 7.27 -5.56
N MSE A 121 -9.90 6.54 -6.10
CA MSE A 121 -8.79 6.05 -5.27
C MSE A 121 -7.96 7.22 -4.73
O MSE A 121 -7.57 7.22 -3.56
CB MSE A 121 -7.92 5.04 -6.05
CG MSE A 121 -8.59 3.67 -6.21
SE MSE A 121 -7.43 2.25 -6.96
CE MSE A 121 -8.01 2.27 -8.80
N GLN A 122 -7.72 8.21 -5.59
CA GLN A 122 -7.01 9.42 -5.20
C GLN A 122 -7.74 10.16 -4.12
N SER A 123 -9.05 10.35 -4.30
CA SER A 123 -9.83 11.13 -3.34
C SER A 123 -10.02 10.40 -2.02
N ARG A 124 -9.97 9.07 -2.02
CA ARG A 124 -10.07 8.32 -0.78
C ARG A 124 -8.73 7.84 -0.22
N HIS A 125 -7.63 8.08 -0.92
CA HIS A 125 -6.30 7.63 -0.50
C HIS A 125 -6.21 6.13 -0.25
N ILE A 126 -6.66 5.36 -1.24
CA ILE A 126 -6.57 3.91 -1.23
C ILE A 126 -5.89 3.49 -2.53
N THR A 127 -5.34 2.29 -2.58
CA THR A 127 -4.68 1.83 -3.78
C THR A 127 -5.36 0.61 -4.44
N CYS A 128 -6.50 0.19 -3.93
N CYS A 128 -6.51 0.22 -3.91
CA CYS A 128 -7.21 -0.98 -4.50
CA CYS A 128 -7.29 -0.86 -4.46
C CYS A 128 -8.70 -0.85 -4.19
C CYS A 128 -8.74 -0.50 -4.32
N VAL A 129 -9.57 -1.04 -5.20
CA VAL A 129 -11.00 -0.81 -5.08
C VAL A 129 -11.76 -2.11 -5.46
N LEU A 130 -12.84 -2.37 -4.74
CA LEU A 130 -13.66 -3.55 -5.02
C LEU A 130 -14.54 -3.23 -6.22
N VAL A 131 -14.79 -4.21 -7.05
CA VAL A 131 -15.74 -4.04 -8.16
C VAL A 131 -16.93 -4.93 -7.81
N ALA A 132 -18.11 -4.33 -7.74
CA ALA A 132 -19.27 -5.02 -7.20
C ALA A 132 -20.54 -4.66 -7.93
N ASP A 133 -21.47 -5.60 -7.87
CA ASP A 133 -22.89 -5.37 -8.19
C ASP A 133 -23.66 -5.41 -6.86
N GLY A 134 -23.93 -4.23 -6.30
CA GLY A 134 -24.57 -4.18 -4.96
C GLY A 134 -23.55 -4.63 -3.93
N ASP A 135 -23.84 -5.70 -3.19
CA ASP A 135 -22.83 -6.33 -2.31
C ASP A 135 -22.06 -7.48 -2.95
N HIS A 136 -22.43 -7.88 -4.18
CA HIS A 136 -21.82 -9.05 -4.81
C HIS A 136 -20.46 -8.65 -5.40
N LEU A 137 -19.41 -9.25 -4.86
CA LEU A 137 -18.04 -8.97 -5.29
C LEU A 137 -17.76 -9.65 -6.62
N LEU A 138 -17.41 -8.86 -7.65
CA LEU A 138 -17.10 -9.39 -8.98
C LEU A 138 -15.61 -9.40 -9.29
N GLY A 139 -14.88 -8.53 -8.63
CA GLY A 139 -13.47 -8.39 -8.93
C GLY A 139 -12.83 -7.29 -8.10
N VAL A 140 -11.54 -7.05 -8.36
CA VAL A 140 -10.78 -6.04 -7.65
CA VAL A 140 -10.78 -6.03 -7.66
C VAL A 140 -9.83 -5.41 -8.65
N VAL A 141 -9.65 -4.10 -8.53
N VAL A 141 -9.66 -4.10 -8.56
CA VAL A 141 -8.71 -3.35 -9.35
CA VAL A 141 -8.67 -3.39 -9.37
C VAL A 141 -7.72 -2.64 -8.43
C VAL A 141 -7.73 -2.60 -8.48
N HIS A 142 -6.44 -2.76 -8.75
CA HIS A 142 -5.38 -2.07 -8.02
C HIS A 142 -4.88 -0.92 -8.87
N MSE A 143 -4.40 0.13 -8.19
CA MSE A 143 -3.80 1.25 -8.91
CA MSE A 143 -3.72 1.25 -8.85
C MSE A 143 -2.76 0.78 -9.92
O MSE A 143 -2.72 1.33 -11.02
CB MSE A 143 -3.21 2.28 -7.92
CB MSE A 143 -2.94 2.04 -7.80
CG MSE A 143 -2.97 3.69 -8.51
CG MSE A 143 -3.80 3.01 -7.05
SE MSE A 143 -2.64 5.02 -7.08
SE MSE A 143 -4.41 4.39 -8.23
CE MSE A 143 -4.48 5.29 -6.48
CE MSE A 143 -4.73 5.79 -6.93
N HIS A 144 -1.97 -0.24 -9.59
CA HIS A 144 -0.99 -0.80 -10.54
C HIS A 144 -1.61 -1.28 -11.86
N ASP A 145 -2.80 -1.84 -11.77
CA ASP A 145 -3.55 -2.31 -12.94
C ASP A 145 -3.90 -1.18 -13.91
N LEU A 146 -4.15 0.01 -13.37
CA LEU A 146 -4.55 1.14 -14.20
C LEU A 146 -3.38 1.73 -14.96
N LEU A 147 -2.15 1.34 -14.64
CA LEU A 147 -0.97 1.79 -15.36
C LEU A 147 -0.20 0.71 -16.13
N ARG A 148 -0.71 -0.52 -16.19
CA ARG A 148 -0.04 -1.59 -16.93
C ARG A 148 -0.58 -1.66 -18.36
N ALA A 149 -0.02 -2.57 -19.17
CA ALA A 149 -0.48 -2.83 -20.56
C ALA A 149 -0.40 -1.59 -21.42
N ALA B 21 -3.13 17.93 -19.89
CA ALA B 21 -3.22 17.92 -18.40
C ALA B 21 -2.43 16.74 -17.85
N LEU B 22 -2.88 15.52 -18.15
CA LEU B 22 -2.17 14.29 -17.75
C LEU B 22 -0.70 14.33 -18.18
N GLY B 23 -0.50 14.68 -19.45
CA GLY B 23 0.81 14.80 -20.06
C GLY B 23 1.73 15.81 -19.38
N ARG B 24 1.17 16.93 -18.92
CA ARG B 24 1.95 17.96 -18.21
C ARG B 24 2.37 17.51 -16.81
N LYS B 25 1.43 16.95 -16.04
CA LYS B 25 1.73 16.53 -14.67
C LYS B 25 2.80 15.41 -14.64
N LEU B 26 2.70 14.50 -15.60
CA LEU B 26 3.65 13.42 -15.77
C LEU B 26 5.06 13.91 -16.14
N LEU B 27 5.17 15.10 -16.74
CA LEU B 27 6.48 15.64 -17.15
C LEU B 27 7.17 16.49 -16.07
N LEU B 28 6.57 16.63 -14.89
CA LEU B 28 7.21 17.36 -13.79
C LEU B 28 8.34 16.53 -13.17
N ARG B 29 9.36 17.21 -12.67
CA ARG B 29 10.40 16.57 -11.87
C ARG B 29 9.87 16.30 -10.47
N VAL B 30 10.21 15.15 -9.90
CA VAL B 30 9.71 14.80 -8.58
C VAL B 30 10.14 15.76 -7.46
N ASN B 31 11.27 16.43 -7.67
CA ASN B 31 11.72 17.52 -6.81
C ASN B 31 10.61 18.50 -6.49
N ASP B 32 9.77 18.79 -7.48
CA ASP B 32 8.73 19.80 -7.35
C ASP B 32 7.46 19.28 -6.72
N ILE B 33 7.35 17.96 -6.51
CA ILE B 33 6.15 17.44 -5.91
C ILE B 33 6.38 16.62 -4.65
N MSE B 34 7.61 16.27 -4.34
CA MSE B 34 7.88 15.38 -3.22
C MSE B 34 7.60 16.05 -1.87
O MSE B 34 7.62 17.25 -1.75
CB MSE B 34 9.34 14.94 -3.23
CG MSE B 34 10.33 16.07 -3.04
SE MSE B 34 12.12 15.43 -3.36
CE MSE B 34 13.14 16.98 -2.82
N HIS B 35 7.36 15.21 -0.88
CA HIS B 35 7.24 15.63 0.50
C HIS B 35 8.63 15.81 1.07
N THR B 36 8.83 16.90 1.80
CA THR B 36 10.14 17.20 2.37
C THR B 36 9.99 17.60 3.85
N GLY B 37 11.12 17.83 4.51
CA GLY B 37 11.13 18.34 5.89
C GLY B 37 10.39 17.44 6.85
N ASP B 38 9.51 18.04 7.65
CA ASP B 38 8.72 17.30 8.63
C ASP B 38 7.77 16.27 8.03
N GLU B 39 7.48 16.39 6.74
N GLU B 39 7.47 16.39 6.74
CA GLU B 39 6.59 15.45 6.07
CA GLU B 39 6.59 15.44 6.07
C GLU B 39 7.29 14.14 5.69
C GLU B 39 7.28 14.12 5.74
N ILE B 40 8.61 14.09 5.82
CA ILE B 40 9.34 12.86 5.52
C ILE B 40 9.24 11.90 6.71
N PRO B 41 8.85 10.64 6.47
CA PRO B 41 8.87 9.66 7.55
C PRO B 41 10.25 9.05 7.74
N HIS B 42 10.83 9.27 8.92
CA HIS B 42 12.08 8.63 9.26
C HIS B 42 12.22 8.41 10.73
N VAL B 43 12.90 7.31 11.07
CA VAL B 43 13.31 7.03 12.45
C VAL B 43 14.79 6.65 12.42
N GLY B 44 15.40 6.58 13.59
CA GLY B 44 16.82 6.25 13.73
C GLY B 44 17.07 4.75 13.82
N LEU B 45 18.34 4.37 13.70
CA LEU B 45 18.73 2.97 13.70
C LEU B 45 18.35 2.25 14.98
N GLN B 46 18.30 2.96 16.12
CA GLN B 46 17.95 2.31 17.40
C GLN B 46 16.45 2.31 17.69
N ALA B 47 15.61 2.75 16.77
CA ALA B 47 14.17 2.82 17.03
C ALA B 47 13.56 1.44 17.21
N THR B 48 12.48 1.38 17.97
CA THR B 48 11.73 0.15 18.11
C THR B 48 10.82 0.03 16.89
N LEU B 49 10.34 -1.18 16.64
CA LEU B 49 9.32 -1.41 15.62
C LEU B 49 8.07 -0.58 15.93
N ARG B 50 7.64 -0.55 17.19
CA ARG B 50 6.52 0.33 17.54
C ARG B 50 6.80 1.83 17.20
N ASP B 51 8.00 2.34 17.50
CA ASP B 51 8.37 3.73 17.13
C ASP B 51 8.22 3.89 15.60
N ALA B 52 8.72 2.91 14.84
CA ALA B 52 8.67 2.95 13.38
C ALA B 52 7.24 3.00 12.85
N LEU B 53 6.36 2.17 13.42
CA LEU B 53 4.98 2.16 12.96
C LEU B 53 4.27 3.44 13.34
N LEU B 54 4.58 4.03 14.48
CA LEU B 54 4.02 5.33 14.89
CA LEU B 54 3.94 5.29 14.83
C LEU B 54 4.37 6.42 13.87
N GLU B 55 5.63 6.41 13.44
CA GLU B 55 6.10 7.37 12.43
C GLU B 55 5.39 7.12 11.09
N ILE B 56 5.21 5.84 10.71
CA ILE B 56 4.50 5.53 9.48
C ILE B 56 3.09 6.11 9.54
N THR B 57 2.39 5.87 10.64
CA THR B 57 1.02 6.36 10.78
C THR B 57 1.00 7.90 10.74
N ARG B 58 1.93 8.51 11.45
CA ARG B 58 1.92 9.95 11.62
C ARG B 58 2.14 10.68 10.30
N LYS B 59 3.03 10.16 9.47
CA LYS B 59 3.35 10.81 8.21
C LYS B 59 2.50 10.36 7.03
N ASN B 60 1.69 9.32 7.22
CA ASN B 60 0.61 8.99 6.31
C ASN B 60 1.00 8.54 4.89
N LEU B 61 2.16 7.92 4.75
CA LEU B 61 2.64 7.49 3.43
C LEU B 61 2.83 5.97 3.34
N GLY B 62 2.49 5.24 4.41
CA GLY B 62 2.59 3.78 4.37
C GLY B 62 3.99 3.20 4.50
N MSE B 63 4.98 4.03 4.82
CA MSE B 63 6.36 3.58 4.97
CA MSE B 63 6.34 3.54 5.02
C MSE B 63 7.15 4.57 5.78
O MSE B 63 6.70 5.69 6.00
CB MSE B 63 7.03 3.37 3.58
CB MSE B 63 7.00 3.21 3.68
CG MSE B 63 6.99 4.58 2.64
CG MSE B 63 6.96 4.32 2.67
SE MSE B 63 8.50 4.56 1.35
SE MSE B 63 8.38 5.63 2.92
CE MSE B 63 9.67 5.64 2.49
CE MSE B 63 9.95 4.43 2.84
N THR B 64 8.31 4.15 6.24
CA THR B 64 9.25 5.02 6.85
C THR B 64 10.64 4.64 6.40
N ALA B 65 11.52 5.64 6.33
CA ALA B 65 12.94 5.40 6.22
C ALA B 65 13.55 5.17 7.59
N ILE B 66 14.69 4.50 7.61
CA ILE B 66 15.55 4.41 8.77
C ILE B 66 16.85 5.11 8.35
N CYS B 67 17.22 6.14 9.09
CA CYS B 67 18.32 7.03 8.74
C CYS B 67 19.29 7.17 9.89
N ASP B 68 20.54 7.46 9.56
CA ASP B 68 21.52 7.84 10.56
C ASP B 68 21.37 9.34 10.88
N ASP B 69 22.24 9.86 11.75
CA ASP B 69 22.15 11.25 12.18
C ASP B 69 22.45 12.27 11.08
N ASP B 70 23.00 11.80 9.97
CA ASP B 70 23.27 12.68 8.85
C ASP B 70 22.17 12.62 7.77
N MSE B 71 21.03 12.02 8.11
CA MSE B 71 19.94 11.76 7.16
C MSE B 71 20.39 10.87 5.98
O MSE B 71 19.80 10.95 4.91
CB MSE B 71 19.28 13.07 6.68
CG MSE B 71 18.51 13.81 7.74
SE MSE B 71 16.99 12.69 8.33
CE MSE B 71 15.99 12.60 6.73
N ASN B 72 21.36 10.01 6.19
CA ASN B 72 21.67 8.97 5.22
C ASN B 72 20.77 7.74 5.44
N ILE B 73 20.25 7.20 4.35
CA ILE B 73 19.32 6.07 4.38
C ILE B 73 20.08 4.79 4.71
N ILE B 74 19.65 4.12 5.77
CA ILE B 74 20.12 2.80 6.13
C ILE B 74 19.15 1.73 5.57
N GLY B 75 17.87 1.97 5.75
CA GLY B 75 16.85 1.06 5.25
C GLY B 75 15.47 1.68 5.17
N ILE B 76 14.49 0.85 4.83
N ILE B 76 14.50 0.82 4.91
CA ILE B 76 13.11 1.27 4.82
CA ILE B 76 13.12 1.20 4.73
C ILE B 76 12.26 0.17 5.47
C ILE B 76 12.20 0.13 5.36
N PHE B 77 11.04 0.55 5.85
CA PHE B 77 10.04 -0.40 6.35
C PHE B 77 8.69 0.07 5.88
N THR B 78 7.94 -0.86 5.28
CA THR B 78 6.64 -0.55 4.74
C THR B 78 5.54 -1.34 5.47
N ASP B 79 4.28 -0.95 5.24
CA ASP B 79 3.14 -1.74 5.74
C ASP B 79 3.19 -3.18 5.22
N GLY B 80 3.59 -3.38 3.94
CA GLY B 80 3.80 -4.76 3.45
C GLY B 80 4.84 -5.57 4.25
N ASP B 81 5.91 -4.89 4.65
CA ASP B 81 6.95 -5.54 5.47
C ASP B 81 6.38 -5.99 6.82
N LEU B 82 5.48 -5.19 7.39
CA LEU B 82 4.82 -5.60 8.66
C LEU B 82 4.04 -6.88 8.46
N ARG B 83 3.27 -6.96 7.37
CA ARG B 83 2.55 -8.19 7.10
C ARG B 83 3.49 -9.40 6.98
N ARG B 84 4.60 -9.23 6.29
CA ARG B 84 5.52 -10.32 6.08
C ARG B 84 6.16 -10.76 7.41
N VAL B 85 6.60 -9.85 8.23
CA VAL B 85 7.14 -10.26 9.52
C VAL B 85 6.09 -10.81 10.47
N PHE B 86 4.91 -10.20 10.49
CA PHE B 86 3.84 -10.69 11.36
C PHE B 86 3.48 -12.12 11.00
N ASP B 87 3.46 -12.43 9.71
CA ASP B 87 3.05 -13.74 9.29
C ASP B 87 4.13 -14.83 9.49
N THR B 88 5.29 -14.49 10.05
CA THR B 88 6.24 -15.52 10.52
C THR B 88 5.75 -16.20 11.80
N GLY B 89 4.84 -15.55 12.50
CA GLY B 89 4.27 -16.06 13.75
C GLY B 89 5.10 -15.74 15.00
N VAL B 90 6.22 -15.07 14.83
CA VAL B 90 7.05 -14.59 15.97
C VAL B 90 6.36 -13.37 16.56
N ASP B 91 6.32 -13.25 17.88
CA ASP B 91 5.78 -12.08 18.56
C ASP B 91 6.67 -10.89 18.24
N MSE B 92 6.16 -9.94 17.45
CA MSE B 92 6.96 -8.80 16.98
C MSE B 92 6.84 -7.54 17.86
O MSE B 92 7.45 -6.54 17.57
CB MSE B 92 6.53 -8.44 15.54
CG MSE B 92 6.63 -9.59 14.54
SE MSE B 92 8.37 -10.45 14.54
CE MSE B 92 9.29 -8.85 14.09
N ARG B 93 6.05 -7.59 18.93
CA ARG B 93 5.70 -6.40 19.68
C ARG B 93 6.91 -5.64 20.19
N ASP B 94 7.94 -6.37 20.62
CA ASP B 94 9.11 -5.74 21.20
C ASP B 94 10.29 -5.72 20.25
N ALA B 95 10.04 -5.95 18.95
CA ALA B 95 11.14 -5.99 17.98
C ALA B 95 11.76 -4.60 17.79
N SER B 96 13.00 -4.61 17.32
CA SER B 96 13.70 -3.40 16.95
CA SER B 96 13.72 -3.41 16.95
C SER B 96 13.60 -3.21 15.44
N ILE B 97 13.52 -1.95 15.00
CA ILE B 97 13.44 -1.71 13.55
C ILE B 97 14.68 -2.22 12.82
N ALA B 98 15.83 -2.16 13.46
CA ALA B 98 17.08 -2.63 12.83
C ALA B 98 17.00 -4.10 12.41
N ASP B 99 16.27 -4.91 13.17
CA ASP B 99 16.15 -6.34 12.87
C ASP B 99 15.12 -6.70 11.82
N VAL B 100 14.22 -5.77 11.47
CA VAL B 100 13.16 -6.10 10.51
C VAL B 100 13.12 -5.20 9.27
N MSE B 101 13.90 -4.11 9.26
CA MSE B 101 13.91 -3.20 8.10
C MSE B 101 14.49 -3.90 6.86
O MSE B 101 15.24 -4.84 6.98
CB MSE B 101 14.77 -1.99 8.42
CG MSE B 101 16.23 -2.32 8.64
SE MSE B 101 17.26 -0.72 9.10
CE MSE B 101 18.92 -1.57 9.49
N THR B 102 14.10 -3.44 5.68
CA THR B 102 14.80 -3.77 4.43
C THR B 102 15.99 -2.79 4.26
N ARG B 103 17.21 -3.32 4.26
CA ARG B 103 18.38 -2.48 4.06
C ARG B 103 18.49 -1.98 2.61
N GLY B 104 18.90 -0.74 2.45
CA GLY B 104 19.15 -0.21 1.11
C GLY B 104 17.91 0.44 0.57
N GLY B 105 17.17 -0.26 -0.26
CA GLY B 105 15.95 0.30 -0.79
C GLY B 105 16.11 0.88 -2.18
N ILE B 106 14.98 1.11 -2.81
CA ILE B 106 14.84 1.68 -4.14
CA ILE B 106 15.00 1.70 -4.14
C ILE B 106 14.70 3.19 -3.98
N ARG B 107 15.49 3.97 -4.69
CA ARG B 107 15.40 5.42 -4.63
C ARG B 107 15.41 6.01 -6.01
N ILE B 108 14.99 7.25 -6.12
CA ILE B 108 15.15 7.99 -7.35
C ILE B 108 15.86 9.34 -7.07
N ARG B 109 16.43 9.93 -8.11
CA ARG B 109 17.04 11.27 -8.05
C ARG B 109 15.95 12.35 -8.09
N PRO B 110 16.20 13.53 -7.51
CA PRO B 110 15.18 14.58 -7.52
C PRO B 110 14.78 15.09 -8.90
N GLY B 111 15.62 14.87 -9.92
CA GLY B 111 15.32 15.28 -11.30
C GLY B 111 14.53 14.23 -12.10
N THR B 112 14.22 13.11 -11.46
CA THR B 112 13.46 12.05 -12.10
C THR B 112 12.08 12.61 -12.45
N LEU B 113 11.62 12.39 -13.67
CA LEU B 113 10.26 12.79 -14.07
C LEU B 113 9.20 11.92 -13.40
N ALA B 114 8.04 12.52 -13.14
CA ALA B 114 6.93 11.79 -12.53
C ALA B 114 6.60 10.54 -13.35
N VAL B 115 6.58 10.64 -14.67
CA VAL B 115 6.27 9.47 -15.47
C VAL B 115 7.28 8.33 -15.24
N ASP B 116 8.55 8.68 -15.09
CA ASP B 116 9.58 7.66 -14.87
C ASP B 116 9.50 7.09 -13.46
N ALA B 117 9.18 7.93 -12.47
CA ALA B 117 8.88 7.46 -11.12
C ALA B 117 7.70 6.50 -11.10
N LEU B 118 6.66 6.81 -11.87
CA LEU B 118 5.52 5.92 -11.96
C LEU B 118 5.91 4.56 -12.58
N ASN B 119 6.67 4.59 -13.67
CA ASN B 119 7.12 3.36 -14.32
C ASN B 119 8.00 2.49 -13.40
N LEU B 120 8.88 3.15 -12.64
CA LEU B 120 9.71 2.47 -11.64
C LEU B 120 8.88 1.81 -10.56
N MSE B 121 7.91 2.54 -10.02
CA MSE B 121 7.00 1.97 -9.01
CA MSE B 121 7.05 1.97 -8.97
C MSE B 121 6.25 0.78 -9.53
O MSE B 121 6.09 -0.21 -8.85
CB MSE B 121 5.96 3.00 -8.59
CB MSE B 121 6.19 3.06 -8.31
CG MSE B 121 6.52 4.07 -7.76
CG MSE B 121 7.01 4.05 -7.39
SE MSE B 121 5.04 5.20 -7.23
SE MSE B 121 6.00 5.36 -6.24
CE MSE B 121 6.15 6.81 -6.92
CE MSE B 121 5.02 6.18 -7.72
N GLN B 122 5.75 0.90 -10.76
CA GLN B 122 5.08 -0.20 -11.43
C GLN B 122 6.02 -1.44 -11.54
N SER B 123 7.23 -1.23 -12.06
CA SER B 123 8.20 -2.31 -12.28
C SER B 123 8.63 -2.96 -10.97
N ARG B 124 8.74 -2.19 -9.89
CA ARG B 124 9.21 -2.72 -8.63
C ARG B 124 8.07 -3.14 -7.71
N HIS B 125 6.83 -2.96 -8.14
CA HIS B 125 5.64 -3.29 -7.34
C HIS B 125 5.61 -2.57 -5.99
N ILE B 126 5.81 -1.23 -6.02
CA ILE B 126 5.76 -0.41 -4.83
C ILE B 126 4.84 0.80 -5.07
N THR B 127 4.42 1.49 -4.02
CA THR B 127 3.55 2.66 -4.16
C THR B 127 4.12 3.96 -3.58
N CYS B 128 5.36 3.92 -3.12
CA CYS B 128 5.99 5.09 -2.54
C CYS B 128 7.47 4.88 -2.67
N VAL B 129 8.22 5.94 -2.96
CA VAL B 129 9.63 5.82 -3.21
C VAL B 129 10.42 7.00 -2.58
N LEU B 130 11.62 6.72 -2.12
CA LEU B 130 12.50 7.74 -1.55
C LEU B 130 13.19 8.49 -2.65
N VAL B 131 13.40 9.79 -2.41
CA VAL B 131 14.11 10.64 -3.32
C VAL B 131 15.41 10.98 -2.59
N ALA B 132 16.53 10.68 -3.25
CA ALA B 132 17.81 10.77 -2.58
C ALA B 132 18.92 11.25 -3.52
N ASP B 133 19.96 11.80 -2.90
CA ASP B 133 21.24 12.07 -3.54
C ASP B 133 22.23 11.13 -2.89
N GLY B 134 22.53 10.03 -3.57
CA GLY B 134 23.29 8.95 -2.97
C GLY B 134 22.49 8.35 -1.82
N ASP B 135 23.06 8.37 -0.62
CA ASP B 135 22.33 7.92 0.55
C ASP B 135 21.54 9.04 1.27
N HIS B 136 21.73 10.29 0.86
CA HIS B 136 21.13 11.41 1.54
C HIS B 136 19.66 11.52 1.16
N LEU B 137 18.80 11.34 2.14
CA LEU B 137 17.35 11.38 1.91
C LEU B 137 16.88 12.83 1.75
N LEU B 138 16.32 13.17 0.60
CA LEU B 138 15.81 14.53 0.30
C LEU B 138 14.31 14.66 0.38
N GLY B 139 13.61 13.55 0.18
CA GLY B 139 12.16 13.59 0.16
C GLY B 139 11.54 12.24 -0.14
N VAL B 140 10.23 12.21 -0.28
N VAL B 140 10.23 12.23 -0.33
CA VAL B 140 9.51 10.97 -0.59
CA VAL B 140 9.47 11.01 -0.55
C VAL B 140 8.35 11.31 -1.53
C VAL B 140 8.33 11.32 -1.52
N VAL B 141 8.10 10.43 -2.47
CA VAL B 141 7.00 10.58 -3.39
C VAL B 141 6.12 9.32 -3.37
N HIS B 142 4.84 9.55 -3.13
CA HIS B 142 3.83 8.49 -3.15
C HIS B 142 3.17 8.47 -4.53
N MSE B 143 2.73 7.30 -4.97
N MSE B 143 2.74 7.30 -4.96
CA MSE B 143 1.96 7.21 -6.21
CA MSE B 143 1.97 7.19 -6.19
C MSE B 143 0.80 8.22 -6.25
C MSE B 143 0.81 8.21 -6.25
O MSE B 143 0.52 8.81 -7.30
O MSE B 143 0.52 8.78 -7.30
CB MSE B 143 1.39 5.79 -6.44
CB MSE B 143 1.44 5.76 -6.35
CG MSE B 143 0.78 5.60 -7.85
CG MSE B 143 1.25 5.34 -7.81
SE MSE B 143 0.43 3.70 -8.31
SE MSE B 143 0.81 3.42 -7.94
CE MSE B 143 -0.08 3.07 -6.53
CE MSE B 143 2.51 2.82 -8.65
N HIS B 144 0.16 8.45 -5.11
CA HIS B 144 -0.91 9.46 -5.00
C HIS B 144 -0.46 10.87 -5.39
N ASP B 145 0.78 11.21 -5.07
CA ASP B 145 1.38 12.53 -5.38
C ASP B 145 1.55 12.74 -6.86
N LEU B 146 1.85 11.66 -7.56
CA LEU B 146 2.21 11.71 -8.95
C LEU B 146 0.96 11.88 -9.76
N LEU B 147 -0.17 11.45 -9.23
CA LEU B 147 -1.39 11.41 -10.00
C LEU B 147 -2.41 12.51 -9.67
N ARG B 148 -2.00 13.57 -8.97
CA ARG B 148 -2.78 14.82 -8.97
C ARG B 148 -2.51 15.56 -10.27
N1C CMK C . -10.54 0.60 2.34
C2C CMK C . -11.90 0.44 2.01
N3C CMK C . -12.19 -0.01 0.72
C4C CMK C . -11.23 -0.23 -0.25
C5C CMK C . -9.88 -0.08 0.08
C6C CMK C . -9.55 0.36 1.38
O2C CMK C . -12.82 0.63 2.82
N4C CMK C . -11.66 -0.66 -1.46
C1' CMK C . -10.22 1.07 3.74
C2' CMK C . -9.11 0.22 4.39
O2' CMK C . -9.72 -0.91 5.03
C3' CMK C . -8.51 1.21 5.39
C4' CMK C . -8.71 2.58 4.69
O4' CMK C . -9.70 2.38 3.59
O3' CMK C . -9.25 1.19 6.60
C5' CMK C . -7.46 3.08 3.98
O5' CMK C . -6.91 2.07 3.08
PA CMK C . -5.29 1.79 3.19
O1A CMK C . -5.00 1.16 4.51
O2A CMK C . -4.85 0.92 2.05
O6 CMK C . -3.02 4.92 2.68
C2 CMK C . -3.35 3.77 3.50
O2 CMK C . -4.66 3.30 3.05
C3 CMK C . -2.25 2.72 3.31
C4 CMK C . -0.82 3.30 3.44
O4 CMK C . 0.16 2.27 3.11
C5 CMK C . -0.62 4.52 2.57
C6 CMK C . -1.71 5.52 2.95
C7 CMK C . -1.68 6.78 2.11
C1 CMK C . -3.59 4.15 4.97
O1X CMK C . -4.60 4.85 5.19
O1Y CMK C . -2.82 3.72 5.85
O5 CMK C . -0.71 4.20 1.16
C8 CMK C . -2.67 7.83 2.65
O8 CMK C . -2.77 8.87 1.69
O7 CMK C . -0.37 7.33 2.16
S SO4 D . -27.60 -6.23 -2.92
O1 SO4 D . -27.57 -6.57 -1.49
O2 SO4 D . -27.55 -4.76 -3.08
O3 SO4 D . -26.44 -6.87 -3.58
O4 SO4 D . -28.89 -6.70 -3.45
C1 GOL E . -1.40 -8.64 -8.78
O1 GOL E . -1.42 -9.93 -9.35
C2 GOL E . -0.26 -7.80 -9.37
O2 GOL E . 0.96 -8.48 -9.18
C3 GOL E . -0.19 -6.40 -8.74
O3 GOL E . -1.15 -5.52 -9.30
C1 GOL F . -8.66 14.24 -13.12
O1 GOL F . -9.75 15.00 -12.67
C2 GOL F . -8.84 13.84 -14.58
O2 GOL F . -10.16 13.37 -14.82
C3 GOL F . -7.83 12.75 -14.96
O3 GOL F . -6.60 12.93 -14.28
N1C CMK G . 10.65 -1.10 -0.98
C2C CMK G . 11.93 -0.55 -1.31
N3C CMK G . 12.02 0.79 -1.64
C4C CMK G . 10.89 1.61 -1.66
C5C CMK G . 9.64 1.09 -1.36
C6C CMK G . 9.53 -0.27 -1.03
O2C CMK G . 12.96 -1.24 -1.28
N4C CMK G . 11.03 2.90 -1.98
C1' CMK G . 10.54 -2.56 -0.63
C2' CMK G . 9.72 -2.84 0.66
O2' CMK G . 10.54 -2.71 1.85
C3' CMK G . 9.26 -4.28 0.43
C4' CMK G . 9.23 -4.44 -1.11
O4' CMK G . 9.86 -3.27 -1.69
O3' CMK G . 10.19 -5.17 1.03
C5' CMK G . 7.76 -4.26 -1.65
O5' CMK G . 7.17 -3.00 -1.15
PA CMK G . 5.62 -3.06 -0.63
O1A CMK G . 5.77 -3.85 0.70
O2A CMK G . 5.05 -1.71 -0.46
O6 CMK G . 3.12 -4.73 -3.15
C2 CMK G . 3.60 -4.67 -1.77
O2 CMK G . 4.87 -3.94 -1.80
C3 CMK G . 2.59 -3.92 -0.92
C4 CMK G . 1.19 -4.51 -1.07
O4 CMK G . 0.28 -3.71 -0.28
C5 CMK G . 0.77 -4.53 -2.54
C6 CMK G . 1.81 -5.37 -3.30
C7 CMK G . 1.61 -5.76 -4.79
C1 CMK G . 3.83 -6.06 -1.11
O1X CMK G . 4.77 -6.11 -0.30
O1Y CMK G . 3.06 -7.01 -1.37
O5 CMK G . 0.75 -3.21 -3.05
C8 CMK G . 1.60 -4.59 -5.76
O8 CMK G . 2.15 -5.03 -7.03
O7 CMK G . 2.65 -6.65 -5.20
C1 GOL H . -1.37 12.41 1.90
O1 GOL H . -2.68 12.34 2.42
C2 GOL H . -0.33 12.36 3.01
O2 GOL H . -0.82 13.02 4.16
C3 GOL H . 0.98 13.00 2.58
O3 GOL H . 1.23 14.19 3.31
#